data_8HIB
#
_entry.id   8HIB
#
_cell.length_a   104.499
_cell.length_b   104.499
_cell.length_c   252.274
_cell.angle_alpha   90.00
_cell.angle_beta   90.00
_cell.angle_gamma   120.00
#
_symmetry.space_group_name_H-M   'P 65 2 2'
#
loop_
_entity.id
_entity.type
_entity.pdbx_description
1 polymer 'LIM domain-binding protein 1'
2 polymer 'Single-stranded DNA-binding protein 2'
3 polymer 'Pygopus homolog 2'
4 water water
#
loop_
_entity_poly.entity_id
_entity_poly.type
_entity_poly.pdbx_seq_one_letter_code
_entity_poly.pdbx_strand_id
1 'polypeptide(L)'
;GIGRHTPYGNQTDYRIFELNKRLQNWTEECDNLWWDAFTTEFFEDDAMLTITFCLEDGPKRYTIGRTLIPRYFRSIFEGG
ATELYYVLKHPKEAFHSNFVSLDCDQGSMVTQHGKPMFTQVCVEGRLYLEFMFDDMMRIKTWHFSIRQHRELIPRSILAM
HAQDPQMLDQLSKNITRCGLSNSTLNYLRLCVILEPMQELMSRHKTYSLSPRDCLKTCLFQKWQRMVAPP
;
V
2 'polypeptide(L)'
;MYGKGKSNSSAVPSDSQAREKLALYVYEYLLHVGAQKSAQTFLSEIRWEKNITLGEPPGFLHSWWCVFWDLYCAAPERRE
TCEHSSEAKAFHDY
;
A,B
3 'polypeptide(L)' YTEFAPPPTPMVDHLVASNPFEDDFGA D
#
# COMPACT_ATOMS: atom_id res chain seq x y z
N ASN A 10 -16.58 29.84 8.57
CA ASN A 10 -15.73 30.87 7.91
C ASN A 10 -14.26 30.42 7.92
N GLN A 11 -13.84 29.70 8.97
CA GLN A 11 -12.43 29.27 8.97
C GLN A 11 -12.33 27.82 8.48
N THR A 12 -12.89 26.88 9.24
CA THR A 12 -12.80 25.45 8.89
C THR A 12 -13.50 25.14 7.57
N ASP A 13 -14.69 25.67 7.37
CA ASP A 13 -15.46 25.44 6.12
C ASP A 13 -14.61 25.76 4.90
N TYR A 14 -13.97 26.91 4.89
CA TYR A 14 -13.15 27.36 3.75
C TYR A 14 -11.95 26.42 3.53
N ARG A 15 -11.39 25.86 4.60
CA ARG A 15 -10.24 24.94 4.47
C ARG A 15 -10.60 23.75 3.60
N ILE A 16 -11.79 23.19 3.78
CA ILE A 16 -12.21 22.04 2.94
C ILE A 16 -12.39 22.52 1.50
N PHE A 17 -12.88 23.74 1.30
CA PHE A 17 -13.02 24.30 -0.06
C PHE A 17 -11.63 24.45 -0.66
N GLU A 18 -10.68 24.90 0.14
CA GLU A 18 -9.29 25.02 -0.35
C GLU A 18 -8.75 23.62 -0.66
N LEU A 19 -9.09 22.65 0.18
CA LEU A 19 -8.65 21.28 -0.09
C LEU A 19 -9.26 20.78 -1.39
N ASN A 20 -10.59 20.94 -1.57
CA ASN A 20 -11.20 20.60 -2.85
C ASN A 20 -10.53 21.34 -4.00
N LYS A 21 -10.15 22.58 -3.76
CA LYS A 21 -9.57 23.39 -4.85
C LYS A 21 -8.20 22.84 -5.27
N ARG A 22 -7.36 22.43 -4.32
CA ARG A 22 -6.08 21.92 -4.74
C ARG A 22 -6.20 20.56 -5.39
N LEU A 23 -7.21 19.76 -5.02
CA LEU A 23 -7.38 18.50 -5.72
C LEU A 23 -7.75 18.70 -7.18
N GLN A 24 -8.31 19.85 -7.56
CA GLN A 24 -8.57 20.09 -8.98
C GLN A 24 -7.29 20.27 -9.79
N ASN A 25 -6.13 20.37 -9.16
CA ASN A 25 -4.88 20.47 -9.88
C ASN A 25 -4.31 19.12 -10.26
N TRP A 26 -4.96 18.04 -9.82
CA TRP A 26 -4.41 16.71 -10.01
C TRP A 26 -4.29 16.37 -11.50
N THR A 27 -3.20 15.72 -11.85
CA THR A 27 -3.02 15.06 -13.14
C THR A 27 -2.38 13.70 -12.91
N GLU A 28 -2.38 12.88 -13.96
CA GLU A 28 -1.74 11.57 -13.93
C GLU A 28 -0.26 11.64 -13.57
N GLU A 29 0.39 12.78 -13.76
CA GLU A 29 1.80 12.87 -13.45
C GLU A 29 2.07 13.33 -12.02
N CYS A 30 1.05 13.62 -11.22
CA CYS A 30 1.30 13.88 -9.81
C CYS A 30 1.85 12.63 -9.13
N ASP A 31 2.87 12.81 -8.30
CA ASP A 31 3.68 11.70 -7.83
C ASP A 31 3.93 11.87 -6.33
N ASN A 32 4.95 11.16 -5.82
CA ASN A 32 5.32 11.20 -4.42
C ASN A 32 5.48 12.62 -3.90
N LEU A 33 6.22 13.45 -4.63
CA LEU A 33 6.50 14.80 -4.15
C LEU A 33 5.24 15.66 -4.17
N TRP A 34 4.44 15.55 -5.23
CA TRP A 34 3.20 16.33 -5.29
C TRP A 34 2.25 15.95 -4.16
N TRP A 35 2.01 14.65 -3.95
CA TRP A 35 1.10 14.24 -2.89
C TRP A 35 1.64 14.59 -1.52
N ASP A 36 2.96 14.54 -1.35
CA ASP A 36 3.53 14.97 -0.08
C ASP A 36 3.35 16.49 0.11
N ALA A 37 3.52 17.27 -0.95
CA ALA A 37 3.27 18.71 -0.85
C ALA A 37 1.80 18.99 -0.58
N PHE A 38 0.90 18.28 -1.26
CA PHE A 38 -0.52 18.42 -0.94
C PHE A 38 -0.80 18.11 0.53
N THR A 39 -0.16 17.06 1.08
CA THR A 39 -0.49 16.66 2.45
C THR A 39 0.09 17.62 3.48
N THR A 40 1.26 18.20 3.18
CA THR A 40 1.86 19.14 4.11
C THR A 40 1.04 20.43 4.18
N GLU A 41 0.34 20.77 3.11
CA GLU A 41 -0.47 21.99 3.14
C GLU A 41 -1.69 21.83 4.03
N PHE A 42 -2.26 20.62 4.11
CA PHE A 42 -3.54 20.45 4.80
C PHE A 42 -3.47 19.60 6.06
N PHE A 43 -2.36 18.92 6.33
CA PHE A 43 -2.28 18.05 7.49
C PHE A 43 -1.10 18.43 8.36
N GLU A 44 -1.22 18.13 9.66
CA GLU A 44 -0.11 18.28 10.59
C GLU A 44 0.94 17.21 10.33
N ASP A 45 2.16 17.47 10.82
CA ASP A 45 3.21 16.46 10.71
C ASP A 45 2.90 15.22 11.55
N ASP A 46 2.01 15.31 12.53
CA ASP A 46 1.58 14.11 13.26
C ASP A 46 0.09 13.84 13.09
N ALA A 47 -0.48 14.28 11.96
CA ALA A 47 -1.89 14.05 11.69
C ALA A 47 -2.20 12.55 11.68
N MET A 48 -3.40 12.19 12.13
CA MET A 48 -3.93 10.84 12.00
C MET A 48 -5.18 10.85 11.13
N LEU A 49 -5.31 9.84 10.27
CA LEU A 49 -6.46 9.70 9.39
C LEU A 49 -7.10 8.34 9.60
N THR A 50 -8.43 8.29 9.70
CA THR A 50 -9.15 7.06 9.99
C THR A 50 -10.33 6.89 9.03
N ILE A 51 -10.49 5.68 8.50
CA ILE A 51 -11.60 5.33 7.62
C ILE A 51 -12.32 4.15 8.26
N THR A 52 -13.66 4.19 8.25
CA THR A 52 -14.51 3.21 8.91
C THR A 52 -15.63 2.77 7.96
N PHE A 53 -15.91 1.47 7.91
CA PHE A 53 -17.00 0.99 7.08
C PHE A 53 -17.36 -0.44 7.49
N CYS A 54 -18.35 -1.00 6.79
CA CYS A 54 -18.86 -2.34 7.04
C CYS A 54 -19.09 -3.05 5.70
N LEU A 55 -18.07 -3.77 5.25
CA LEU A 55 -18.10 -4.45 3.96
C LEU A 55 -18.82 -5.78 4.05
N GLU A 56 -18.24 -6.65 4.89
CA GLU A 56 -18.72 -8.02 5.18
C GLU A 56 -18.34 -8.35 6.63
N ASP A 57 -18.76 -9.50 7.13
CA ASP A 57 -18.53 -9.84 8.56
C ASP A 57 -19.08 -8.67 9.37
N GLY A 58 -18.27 -8.07 10.25
CA GLY A 58 -18.75 -6.92 11.04
C GLY A 58 -18.29 -5.63 10.40
N PRO A 59 -17.75 -4.50 11.20
CA PRO A 59 -17.12 -3.21 10.93
C PRO A 59 -15.60 -3.31 10.84
N LYS A 60 -15.07 -2.62 9.84
CA LYS A 60 -13.63 -2.46 9.66
C LYS A 60 -13.25 -1.03 10.01
N ARG A 61 -12.10 -0.87 10.67
CA ARG A 61 -11.54 0.42 10.98
C ARG A 61 -10.05 0.43 10.65
N TYR A 62 -9.58 1.48 9.97
CA TYR A 62 -8.19 1.60 9.53
C TYR A 62 -7.69 3.00 9.89
N THR A 63 -6.50 3.05 10.51
CA THR A 63 -5.95 4.33 10.96
C THR A 63 -4.49 4.41 10.53
N ILE A 64 -4.10 5.54 9.94
CA ILE A 64 -2.76 5.71 9.40
C ILE A 64 -2.21 7.05 9.86
N GLY A 65 -0.88 7.10 10.04
CA GLY A 65 -0.21 8.33 10.40
C GLY A 65 0.26 9.12 9.20
N ARG A 66 0.93 10.23 9.50
CA ARG A 66 1.15 11.29 8.50
C ARG A 66 1.92 10.81 7.28
N THR A 67 2.93 9.97 7.46
CA THR A 67 3.72 9.69 6.26
C THR A 67 2.97 8.75 5.32
N LEU A 68 1.93 8.06 5.81
CA LEU A 68 1.09 7.19 4.98
C LEU A 68 -0.11 7.93 4.39
N ILE A 69 -0.29 9.20 4.72
CA ILE A 69 -1.52 9.89 4.30
C ILE A 69 -1.45 10.29 2.83
N PRO A 70 -0.30 10.74 2.29
CA PRO A 70 -0.26 11.05 0.84
C PRO A 70 -0.74 9.93 -0.04
N ARG A 71 -0.27 8.71 0.20
CA ARG A 71 -0.61 7.61 -0.69
C ARG A 71 -2.03 7.12 -0.48
N TYR A 72 -2.62 7.38 0.69
CA TYR A 72 -4.05 7.16 0.83
C TYR A 72 -4.83 7.95 -0.23
N PHE A 73 -4.59 9.26 -0.30
CA PHE A 73 -5.36 10.07 -1.25
C PHE A 73 -5.01 9.66 -2.67
N ARG A 74 -3.73 9.42 -2.92
CA ARG A 74 -3.30 9.00 -4.25
C ARG A 74 -3.97 7.68 -4.65
N SER A 75 -4.10 6.75 -3.69
CA SER A 75 -4.72 5.47 -4.00
C SER A 75 -6.12 5.65 -4.56
N ILE A 76 -6.86 6.69 -4.13
CA ILE A 76 -8.18 6.97 -4.71
C ILE A 76 -8.07 7.21 -6.21
N PHE A 77 -7.07 7.99 -6.64
CA PHE A 77 -6.86 8.21 -8.07
C PHE A 77 -6.27 6.97 -8.74
N GLU A 78 -5.37 6.22 -8.08
CA GLU A 78 -4.91 4.96 -8.69
C GLU A 78 -6.08 4.07 -9.02
N GLY A 79 -7.14 4.12 -8.18
CA GLY A 79 -8.30 3.27 -8.34
C GLY A 79 -9.18 3.58 -9.52
N GLY A 80 -8.88 4.63 -10.29
CA GLY A 80 -9.72 5.04 -11.40
C GLY A 80 -10.27 6.45 -11.28
N ALA A 81 -10.36 7.01 -10.07
CA ALA A 81 -10.89 8.35 -9.91
C ALA A 81 -10.02 9.35 -10.66
N THR A 82 -10.67 10.31 -11.30
CA THR A 82 -9.97 11.40 -11.97
C THR A 82 -10.29 12.73 -11.34
N GLU A 83 -11.14 12.74 -10.32
CA GLU A 83 -11.54 13.96 -9.69
C GLU A 83 -12.02 13.55 -8.31
N LEU A 84 -11.77 14.38 -7.30
CA LEU A 84 -12.16 14.05 -5.94
C LEU A 84 -12.57 15.31 -5.20
N TYR A 85 -13.74 15.31 -4.57
CA TYR A 85 -14.09 16.43 -3.71
C TYR A 85 -15.03 15.99 -2.62
N TYR A 86 -15.10 16.79 -1.58
CA TYR A 86 -15.89 16.53 -0.40
C TYR A 86 -16.98 17.60 -0.31
N VAL A 87 -18.21 17.16 -0.06
CA VAL A 87 -19.32 18.07 0.20
C VAL A 87 -19.74 17.83 1.64
N LEU A 88 -19.76 18.91 2.44
CA LEU A 88 -20.12 18.82 3.84
C LEU A 88 -21.42 19.59 4.04
N LYS A 89 -22.49 18.86 4.34
CA LYS A 89 -23.80 19.49 4.52
C LYS A 89 -24.02 19.77 6.01
N HIS A 90 -24.19 21.05 6.34
CA HIS A 90 -24.46 21.49 7.71
C HIS A 90 -23.46 20.99 8.74
N PRO A 91 -22.16 21.24 8.55
CA PRO A 91 -21.19 20.79 9.56
C PRO A 91 -21.22 21.64 10.82
N LYS A 92 -20.97 20.98 11.95
CA LYS A 92 -20.93 21.61 13.27
C LYS A 92 -19.52 22.08 13.59
N GLU A 93 -19.34 23.38 13.80
CA GLU A 93 -18.06 23.91 14.29
C GLU A 93 -18.01 23.93 15.82
N ALA A 94 -16.81 23.83 16.37
CA ALA A 94 -16.61 24.03 17.80
C ALA A 94 -15.20 24.52 18.02
N PHE A 95 -15.07 25.71 18.61
CA PHE A 95 -13.80 26.34 18.87
C PHE A 95 -13.32 26.01 20.28
N HIS A 96 -12.05 25.64 20.40
CA HIS A 96 -11.42 25.42 21.69
C HIS A 96 -10.17 26.30 21.77
N SER A 97 -9.51 26.26 22.92
CA SER A 97 -8.34 27.11 23.12
C SER A 97 -7.23 26.80 22.11
N ASN A 98 -7.17 25.57 21.61
CA ASN A 98 -6.02 25.09 20.87
C ASN A 98 -6.34 24.44 19.53
N PHE A 99 -7.61 24.17 19.23
CA PHE A 99 -7.98 23.48 18.01
C PHE A 99 -9.44 23.81 17.72
N VAL A 100 -9.88 23.41 16.53
CA VAL A 100 -11.26 23.60 16.08
C VAL A 100 -11.76 22.28 15.53
N SER A 101 -12.93 21.86 15.98
CA SER A 101 -13.49 20.63 15.46
C SER A 101 -14.52 20.96 14.39
N LEU A 102 -14.64 20.04 13.43
CA LEU A 102 -15.68 20.11 12.42
C LEU A 102 -16.32 18.72 12.37
N ASP A 103 -17.64 18.68 12.49
CA ASP A 103 -18.36 17.42 12.67
C ASP A 103 -19.54 17.46 11.71
N CYS A 104 -19.51 16.57 10.73
CA CYS A 104 -20.48 16.60 9.64
C CYS A 104 -21.04 15.20 9.47
N ASP A 105 -22.24 15.01 9.99
CA ASP A 105 -22.92 13.74 9.85
C ASP A 105 -23.27 13.45 8.40
N GLN A 106 -23.55 14.48 7.61
CA GLN A 106 -23.94 14.29 6.22
C GLN A 106 -22.79 14.72 5.32
N GLY A 107 -21.69 13.99 5.40
CA GLY A 107 -20.56 14.23 4.51
C GLY A 107 -20.66 13.37 3.27
N SER A 108 -20.18 13.90 2.15
CA SER A 108 -20.19 13.17 0.90
C SER A 108 -18.80 13.25 0.31
N MET A 109 -18.25 12.11 -0.08
CA MET A 109 -17.00 12.02 -0.81
C MET A 109 -17.33 11.64 -2.24
N VAL A 110 -16.94 12.48 -3.19
CA VAL A 110 -17.38 12.36 -4.59
C VAL A 110 -16.15 12.13 -5.47
N THR A 111 -16.21 11.12 -6.31
CA THR A 111 -15.14 10.85 -7.26
C THR A 111 -15.72 10.59 -8.65
N GLN A 112 -15.02 11.06 -9.66
CA GLN A 112 -15.41 10.89 -11.05
C GLN A 112 -14.37 9.97 -11.68
N HIS A 113 -14.83 8.85 -12.24
CA HIS A 113 -13.90 7.91 -12.92
C HIS A 113 -13.82 8.28 -14.40
N GLY A 114 -12.82 7.77 -15.11
CA GLY A 114 -12.65 8.15 -16.53
C GLY A 114 -13.05 7.06 -17.49
N LYS A 115 -12.56 7.17 -18.73
CA LYS A 115 -12.84 6.19 -19.81
C LYS A 115 -12.31 4.82 -19.41
N PRO A 116 -13.03 3.72 -19.69
CA PRO A 116 -14.33 3.79 -20.35
C PRO A 116 -15.45 3.82 -19.30
N MET A 117 -16.69 3.97 -19.77
CA MET A 117 -17.92 4.03 -18.93
C MET A 117 -17.66 4.82 -17.64
N PHE A 118 -17.47 6.14 -17.81
CA PHE A 118 -17.17 7.13 -16.77
C PHE A 118 -18.20 6.87 -15.69
N THR A 119 -17.79 6.58 -14.47
CA THR A 119 -18.75 6.29 -13.41
C THR A 119 -18.44 7.27 -12.30
N GLN A 120 -19.48 7.68 -11.57
CA GLN A 120 -19.30 8.59 -10.44
C GLN A 120 -19.66 7.85 -9.16
N VAL A 121 -18.80 7.97 -8.17
CA VAL A 121 -18.98 7.32 -6.88
C VAL A 121 -19.22 8.39 -5.84
N CYS A 122 -20.29 8.23 -5.07
CA CYS A 122 -20.66 9.15 -4.01
C CYS A 122 -20.71 8.36 -2.71
N VAL A 123 -19.82 8.67 -1.79
CA VAL A 123 -19.69 7.94 -0.53
C VAL A 123 -20.20 8.83 0.58
N GLU A 124 -21.16 8.33 1.34
CA GLU A 124 -21.78 9.06 2.43
C GLU A 124 -21.33 8.57 3.78
N GLY A 125 -21.16 9.51 4.69
CA GLY A 125 -20.66 9.14 5.99
C GLY A 125 -20.52 10.37 6.84
N ARG A 126 -20.07 10.12 8.06
CA ARG A 126 -19.78 11.18 8.99
C ARG A 126 -18.31 11.55 8.82
N LEU A 127 -18.04 12.80 8.50
CA LEU A 127 -16.68 13.33 8.48
C LEU A 127 -16.46 14.15 9.73
N TYR A 128 -15.48 13.75 10.54
CA TYR A 128 -15.11 14.47 11.75
C TYR A 128 -13.66 14.89 11.62
N LEU A 129 -13.39 16.17 11.85
CA LEU A 129 -12.06 16.75 11.65
C LEU A 129 -11.66 17.57 12.86
N GLU A 130 -10.37 17.56 13.18
CA GLU A 130 -9.84 18.51 14.13
C GLU A 130 -8.73 19.31 13.47
N PHE A 131 -8.85 20.64 13.53
CA PHE A 131 -7.88 21.55 12.94
C PHE A 131 -7.05 22.20 14.05
N MET A 132 -5.78 22.48 13.74
CA MET A 132 -4.98 23.29 14.63
C MET A 132 -5.44 24.74 14.57
N PHE A 133 -5.59 25.36 15.73
CA PHE A 133 -5.99 26.76 15.78
C PHE A 133 -4.72 27.58 15.68
N ASP A 134 -4.28 27.83 14.45
CA ASP A 134 -3.19 28.76 14.18
C ASP A 134 -3.35 29.29 12.76
N ASP A 135 -2.26 29.79 12.17
CA ASP A 135 -2.34 30.42 10.86
C ASP A 135 -2.68 29.39 9.79
N MET A 136 -1.80 28.42 9.57
CA MET A 136 -2.12 27.28 8.70
C MET A 136 -3.02 26.35 9.50
N MET A 137 -4.32 26.50 9.31
CA MET A 137 -5.28 25.72 10.05
C MET A 137 -5.29 24.31 9.46
N ARG A 138 -4.28 23.53 9.84
CA ARG A 138 -4.09 22.21 9.27
C ARG A 138 -4.82 21.17 10.11
N ILE A 139 -5.07 20.02 9.48
CA ILE A 139 -5.87 18.96 10.07
C ILE A 139 -5.00 18.08 10.98
N LYS A 140 -5.44 17.94 12.23
CA LYS A 140 -4.79 17.03 13.16
C LYS A 140 -5.39 15.63 13.09
N THR A 141 -6.71 15.53 13.02
CA THR A 141 -7.35 14.21 12.88
C THR A 141 -8.43 14.27 11.81
N TRP A 142 -8.53 13.17 11.08
CA TRP A 142 -9.47 12.99 10.00
C TRP A 142 -10.14 11.65 10.23
N HIS A 143 -11.45 11.66 10.39
CA HIS A 143 -12.20 10.45 10.72
C HIS A 143 -13.45 10.45 9.87
N PHE A 144 -13.53 9.46 8.98
CA PHE A 144 -14.63 9.34 8.03
C PHE A 144 -15.30 7.98 8.25
N SER A 145 -16.52 7.98 8.72
CA SER A 145 -17.22 6.73 8.98
C SER A 145 -18.28 6.52 7.91
N ILE A 146 -18.02 5.56 7.02
CA ILE A 146 -18.84 5.38 5.84
C ILE A 146 -20.10 4.61 6.21
N ARG A 147 -21.25 5.15 5.83
CA ARG A 147 -22.52 4.48 6.04
C ARG A 147 -23.01 3.75 4.80
N GLN A 148 -22.78 4.32 3.62
CA GLN A 148 -23.33 3.79 2.38
C GLN A 148 -22.70 4.60 1.26
N HIS A 149 -22.85 4.10 0.04
CA HIS A 149 -22.27 4.72 -1.13
C HIS A 149 -23.21 4.43 -2.29
N ARG A 150 -23.12 5.25 -3.32
CA ARG A 150 -23.91 5.08 -4.53
C ARG A 150 -22.95 5.19 -5.69
N GLU A 151 -23.36 4.64 -6.83
CA GLU A 151 -22.54 4.65 -8.04
C GLU A 151 -23.45 5.06 -9.19
N LEU A 152 -23.05 6.08 -9.92
CA LEU A 152 -23.92 6.69 -10.93
C LEU A 152 -23.38 6.45 -12.32
N ILE A 153 -24.28 6.18 -13.26
CA ILE A 153 -23.93 5.79 -14.61
C ILE A 153 -24.45 6.85 -15.56
N PRO A 154 -23.64 7.37 -16.47
CA PRO A 154 -24.16 8.27 -17.51
C PRO A 154 -25.25 7.60 -18.30
N ARG A 155 -26.31 8.36 -18.59
CA ARG A 155 -27.40 7.80 -19.38
C ARG A 155 -26.92 7.43 -20.78
N SER A 156 -25.96 8.20 -21.32
CA SER A 156 -25.40 7.87 -22.63
C SER A 156 -24.79 6.48 -22.63
N ILE A 157 -24.09 6.12 -21.56
CA ILE A 157 -23.40 4.84 -21.47
C ILE A 157 -24.33 3.71 -21.04
N LEU A 158 -25.53 4.03 -20.54
CA LEU A 158 -26.56 3.01 -20.50
C LEU A 158 -27.08 2.73 -21.91
N ALA A 159 -27.34 3.79 -22.68
CA ALA A 159 -27.85 3.61 -24.04
C ALA A 159 -26.82 2.96 -24.95
N MET A 160 -25.54 3.13 -24.66
CA MET A 160 -24.49 2.51 -25.47
C MET A 160 -24.57 0.99 -25.40
N HIS A 161 -24.57 0.42 -24.20
CA HIS A 161 -24.70 -1.01 -23.97
C HIS A 161 -26.14 -1.43 -23.75
N ALA A 162 -27.08 -0.76 -24.42
CA ALA A 162 -28.50 -0.88 -24.09
C ALA A 162 -29.04 -2.28 -24.41
N GLN A 163 -28.98 -2.67 -25.68
CA GLN A 163 -29.42 -4.01 -26.08
C GLN A 163 -28.20 -4.90 -26.30
N ASP A 164 -27.56 -5.24 -25.18
CA ASP A 164 -26.39 -6.10 -25.16
C ASP A 164 -26.38 -6.80 -23.82
N PRO A 165 -27.16 -7.87 -23.67
CA PRO A 165 -27.41 -8.44 -22.33
C PRO A 165 -26.18 -8.70 -21.48
N GLN A 166 -25.03 -9.03 -22.08
CA GLN A 166 -23.84 -9.37 -21.31
C GLN A 166 -23.09 -8.14 -20.80
N MET A 167 -23.16 -7.03 -21.53
CA MET A 167 -22.54 -5.79 -21.09
C MET A 167 -23.41 -5.06 -20.08
N LEU A 168 -24.73 -5.26 -20.14
CA LEU A 168 -25.68 -4.51 -19.34
C LEU A 168 -25.85 -5.08 -17.94
N ASP A 169 -25.52 -6.35 -17.72
CA ASP A 169 -25.46 -6.89 -16.38
C ASP A 169 -24.09 -6.73 -15.74
N GLN A 170 -23.06 -6.44 -16.53
CA GLN A 170 -21.82 -5.96 -15.94
C GLN A 170 -22.00 -4.55 -15.40
N LEU A 171 -22.96 -3.80 -15.94
CA LEU A 171 -23.31 -2.47 -15.47
C LEU A 171 -24.15 -2.48 -14.22
N SER A 172 -24.57 -3.65 -13.74
CA SER A 172 -25.26 -3.75 -12.46
C SER A 172 -24.32 -4.15 -11.34
N LYS A 173 -23.05 -4.43 -11.64
CA LYS A 173 -22.05 -4.76 -10.64
C LYS A 173 -21.33 -3.49 -10.20
N ASN A 174 -21.26 -3.28 -8.90
CA ASN A 174 -20.55 -2.12 -8.36
C ASN A 174 -19.05 -2.21 -8.70
N ILE A 175 -18.42 -1.05 -8.63
CA ILE A 175 -17.02 -0.88 -9.01
C ILE A 175 -16.13 -0.59 -7.81
N THR A 176 -16.72 -0.21 -6.68
CA THR A 176 -16.08 -0.09 -5.38
C THR A 176 -16.83 -1.00 -4.43
N ARG A 177 -16.32 -1.16 -3.22
CA ARG A 177 -16.95 -2.08 -2.28
C ARG A 177 -17.79 -1.33 -1.24
N CYS A 178 -17.20 -0.36 -0.55
CA CYS A 178 -17.97 0.60 0.22
C CYS A 178 -17.65 2.02 -0.21
N GLY A 179 -17.54 2.22 -1.51
CA GLY A 179 -16.87 3.38 -2.04
C GLY A 179 -15.36 3.26 -2.12
N LEU A 180 -14.75 2.28 -1.48
CA LEU A 180 -13.33 2.08 -1.61
C LEU A 180 -13.06 1.20 -2.82
N SER A 181 -12.23 1.67 -3.72
CA SER A 181 -11.86 0.74 -4.75
C SER A 181 -10.70 -0.15 -4.24
N ASN A 182 -10.37 -1.18 -5.02
CA ASN A 182 -9.41 -2.18 -4.55
C ASN A 182 -8.08 -1.54 -4.17
N SER A 183 -7.60 -0.60 -4.99
CA SER A 183 -6.37 0.11 -4.68
C SER A 183 -6.38 0.60 -3.23
N THR A 184 -7.44 1.30 -2.84
CA THR A 184 -7.48 1.94 -1.52
C THR A 184 -7.56 0.89 -0.41
N LEU A 185 -8.49 -0.06 -0.56
CA LEU A 185 -8.65 -1.15 0.39
C LEU A 185 -7.35 -1.91 0.61
N ASN A 186 -6.72 -2.36 -0.50
CA ASN A 186 -5.44 -3.06 -0.42
C ASN A 186 -4.37 -2.22 0.27
N TYR A 187 -4.39 -0.91 0.03
CA TYR A 187 -3.40 -0.04 0.64
C TYR A 187 -3.58 0.03 2.14
N LEU A 188 -4.80 0.31 2.59
CA LEU A 188 -5.02 0.45 4.02
C LEU A 188 -4.70 -0.85 4.76
N ARG A 189 -5.04 -2.00 4.17
CA ARG A 189 -4.76 -3.28 4.83
C ARG A 189 -3.26 -3.51 4.94
N LEU A 190 -2.53 -3.30 3.85
CA LEU A 190 -1.08 -3.37 3.89
C LEU A 190 -0.52 -2.47 4.99
N CYS A 191 -1.07 -1.27 5.14
CA CYS A 191 -0.56 -0.31 6.12
C CYS A 191 -0.71 -0.81 7.54
N VAL A 192 -1.68 -1.69 7.83
CA VAL A 192 -1.74 -2.27 9.17
C VAL A 192 -0.45 -2.99 9.52
N ILE A 193 0.08 -3.78 8.59
CA ILE A 193 1.28 -4.53 8.89
C ILE A 193 2.52 -3.65 8.81
N LEU A 194 2.63 -2.84 7.76
CA LEU A 194 3.89 -2.14 7.54
C LEU A 194 4.08 -1.00 8.53
N GLU A 195 3.01 -0.33 8.92
CA GLU A 195 3.20 0.92 9.66
C GLU A 195 3.84 0.75 11.06
N PRO A 196 3.51 -0.25 11.85
CA PRO A 196 4.28 -0.44 13.11
C PRO A 196 5.64 -1.09 12.87
N MET A 197 5.89 -1.67 11.70
CA MET A 197 7.26 -2.07 11.40
C MET A 197 8.20 -0.89 11.37
N GLN A 198 7.66 0.33 11.29
CA GLN A 198 8.53 1.49 11.19
C GLN A 198 9.42 1.61 12.41
N GLU A 199 8.93 1.20 13.58
CA GLU A 199 9.77 1.13 14.77
C GLU A 199 10.94 0.19 14.54
N LEU A 200 10.69 -0.99 13.95
CA LEU A 200 11.78 -1.90 13.59
C LEU A 200 12.77 -1.21 12.66
N MET A 201 12.25 -0.50 11.68
CA MET A 201 13.09 0.19 10.71
C MET A 201 13.96 1.27 11.38
N SER A 202 13.43 1.98 12.38
CA SER A 202 14.24 2.92 13.18
C SER A 202 15.43 2.23 13.84
N ARG A 203 15.16 1.11 14.53
CA ARG A 203 16.23 0.30 15.12
C ARG A 203 17.30 0.00 14.09
N HIS A 204 16.89 -0.60 12.98
CA HIS A 204 17.80 -0.96 11.90
C HIS A 204 18.67 0.21 11.49
N LYS A 205 18.09 1.42 11.41
CA LYS A 205 18.84 2.59 10.98
C LYS A 205 19.88 3.04 12.00
N THR A 206 19.70 2.73 13.28
CA THR A 206 20.56 3.28 14.34
C THR A 206 21.58 2.26 14.84
N TYR A 207 21.11 1.08 15.26
CA TYR A 207 21.99 -0.05 15.53
C TYR A 207 22.09 -0.92 14.29
N SER A 208 23.29 -1.34 13.94
CA SER A 208 23.43 -2.26 12.81
C SER A 208 23.00 -3.64 13.28
N LEU A 209 21.74 -4.00 13.00
CA LEU A 209 21.15 -5.22 13.50
C LEU A 209 20.20 -5.78 12.46
N SER A 210 20.16 -7.11 12.31
CA SER A 210 19.32 -7.68 11.27
C SER A 210 17.86 -7.39 11.57
N PRO A 211 17.02 -7.34 10.55
CA PRO A 211 15.62 -6.97 10.80
C PRO A 211 14.95 -7.90 11.80
N ARG A 212 15.16 -9.22 11.67
CA ARG A 212 14.53 -10.13 12.61
C ARG A 212 15.06 -9.93 14.03
N ASP A 213 16.30 -9.46 14.16
CA ASP A 213 16.79 -9.15 15.49
C ASP A 213 16.21 -7.83 15.97
N CYS A 214 16.01 -6.89 15.05
CA CYS A 214 15.27 -5.69 15.35
C CYS A 214 13.91 -6.03 15.93
N LEU A 215 13.17 -6.92 15.27
CA LEU A 215 11.88 -7.36 15.77
C LEU A 215 12.03 -8.01 17.13
N LYS A 216 12.99 -8.94 17.26
CA LYS A 216 13.25 -9.58 18.54
C LYS A 216 13.43 -8.53 19.63
N THR A 217 14.25 -7.52 19.36
CA THR A 217 14.50 -6.47 20.35
C THR A 217 13.29 -5.57 20.59
N CYS A 218 12.29 -5.56 19.71
CA CYS A 218 11.12 -4.71 19.95
C CYS A 218 10.02 -5.43 20.70
N LEU A 219 10.01 -6.75 20.64
CA LEU A 219 9.34 -7.46 21.72
C LEU A 219 9.89 -7.08 23.07
N PHE A 220 11.08 -6.49 23.15
CA PHE A 220 11.66 -6.22 24.46
C PHE A 220 10.92 -5.15 25.21
N GLN A 221 10.69 -4.02 24.56
CA GLN A 221 9.94 -2.97 25.22
C GLN A 221 8.55 -3.46 25.61
N LYS A 222 7.95 -4.33 24.79
CA LYS A 222 6.51 -4.58 24.85
C LYS A 222 6.10 -5.29 26.14
N TRP A 223 6.72 -6.45 26.36
CA TRP A 223 6.48 -7.27 27.58
C TRP A 223 7.08 -6.58 28.80
N GLN A 224 8.01 -5.66 28.57
CA GLN A 224 8.67 -5.01 29.70
C GLN A 224 7.70 -4.09 30.43
N ARG A 225 6.93 -3.30 29.68
CA ARG A 225 5.88 -2.48 30.26
C ARG A 225 4.49 -3.03 29.93
N ALA B 11 14.84 14.32 2.83
CA ALA B 11 13.40 14.45 2.80
C ALA B 11 12.72 13.14 2.34
N VAL B 12 11.64 13.30 1.55
CA VAL B 12 10.75 12.25 1.07
C VAL B 12 11.27 11.69 -0.27
N PRO B 13 11.25 10.39 -0.49
CA PRO B 13 11.81 9.88 -1.75
C PRO B 13 10.89 10.10 -2.93
N SER B 14 11.51 10.35 -4.09
CA SER B 14 10.76 10.41 -5.32
C SER B 14 10.44 9.00 -5.81
N ASP B 15 9.53 8.92 -6.76
CA ASP B 15 9.19 7.62 -7.32
C ASP B 15 10.40 6.97 -7.97
N SER B 16 11.17 7.73 -8.75
CA SER B 16 12.34 7.16 -9.39
C SER B 16 13.39 6.74 -8.37
N GLN B 17 13.66 7.57 -7.36
CA GLN B 17 14.56 7.11 -6.31
C GLN B 17 14.09 5.78 -5.73
N ALA B 18 12.78 5.66 -5.46
CA ALA B 18 12.26 4.42 -4.90
C ALA B 18 12.36 3.29 -5.90
N ARG B 19 12.06 3.58 -7.17
CA ARG B 19 12.14 2.56 -8.21
C ARG B 19 13.55 2.02 -8.33
N GLU B 20 14.55 2.91 -8.29
CA GLU B 20 15.94 2.48 -8.46
C GLU B 20 16.44 1.74 -7.23
N LYS B 21 16.02 2.18 -6.04
CA LYS B 21 16.42 1.48 -4.84
C LYS B 21 15.87 0.06 -4.85
N LEU B 22 14.61 -0.11 -5.26
CA LEU B 22 14.07 -1.45 -5.43
C LEU B 22 14.85 -2.25 -6.46
N ALA B 23 15.22 -1.60 -7.58
CA ALA B 23 15.99 -2.27 -8.61
C ALA B 23 17.29 -2.87 -8.02
N LEU B 24 18.10 -2.02 -7.39
CA LEU B 24 19.34 -2.47 -6.73
C LEU B 24 19.09 -3.66 -5.82
N TYR B 25 18.08 -3.58 -4.96
CA TYR B 25 17.89 -4.62 -3.97
C TYR B 25 17.36 -5.91 -4.56
N VAL B 26 16.66 -5.82 -5.70
CA VAL B 26 16.25 -7.03 -6.41
C VAL B 26 17.46 -7.68 -7.07
N TYR B 27 18.40 -6.88 -7.57
CA TYR B 27 19.65 -7.46 -8.08
C TYR B 27 20.35 -8.24 -6.97
N GLU B 28 20.57 -7.58 -5.83
CA GLU B 28 21.16 -8.23 -4.68
C GLU B 28 20.38 -9.51 -4.33
N TYR B 29 19.06 -9.40 -4.26
CA TYR B 29 18.23 -10.57 -4.01
C TYR B 29 18.53 -11.70 -4.99
N LEU B 30 18.65 -11.38 -6.26
CA LEU B 30 18.85 -12.42 -7.26
C LEU B 30 20.20 -13.11 -7.05
N LEU B 31 21.22 -12.34 -6.67
CA LEU B 31 22.54 -12.90 -6.41
C LEU B 31 22.50 -13.87 -5.23
N HIS B 32 22.00 -13.42 -4.08
CA HIS B 32 22.04 -14.18 -2.84
C HIS B 32 21.13 -15.37 -2.87
N VAL B 33 20.26 -15.43 -3.87
CA VAL B 33 19.28 -16.49 -3.99
C VAL B 33 19.73 -17.56 -4.96
N GLY B 34 20.93 -17.39 -5.53
CA GLY B 34 21.44 -18.36 -6.48
C GLY B 34 21.00 -18.13 -7.90
N ALA B 35 20.68 -16.89 -8.25
CA ALA B 35 20.21 -16.58 -9.59
C ALA B 35 21.12 -15.57 -10.26
N GLN B 36 22.42 -15.88 -10.29
CA GLN B 36 23.42 -14.97 -10.85
C GLN B 36 23.17 -14.68 -12.32
N LYS B 37 22.66 -15.67 -13.06
CA LYS B 37 22.33 -15.45 -14.46
C LYS B 37 21.26 -14.38 -14.59
N SER B 38 20.14 -14.56 -13.89
CA SER B 38 19.09 -13.53 -13.87
C SER B 38 19.65 -12.20 -13.40
N ALA B 39 20.57 -12.23 -12.44
CA ALA B 39 21.06 -11.01 -11.83
C ALA B 39 21.71 -10.11 -12.87
N GLN B 40 22.58 -10.66 -13.72
CA GLN B 40 23.27 -9.81 -14.67
C GLN B 40 22.41 -9.52 -15.90
N THR B 41 21.64 -10.51 -16.38
CA THR B 41 20.60 -10.23 -17.37
C THR B 41 19.76 -9.01 -16.97
N PHE B 42 19.30 -9.00 -15.71
CA PHE B 42 18.51 -7.88 -15.18
C PHE B 42 19.27 -6.56 -15.29
N LEU B 43 20.52 -6.52 -14.82
CA LEU B 43 21.32 -5.30 -14.95
C LEU B 43 21.37 -4.80 -16.38
N SER B 44 21.42 -5.72 -17.35
CA SER B 44 21.51 -5.31 -18.75
C SER B 44 20.15 -4.89 -19.29
N GLU B 45 19.11 -5.69 -19.01
CA GLU B 45 17.78 -5.34 -19.51
C GLU B 45 17.36 -3.96 -19.03
N ILE B 46 17.80 -3.55 -17.84
CA ILE B 46 17.48 -2.22 -17.33
C ILE B 46 18.62 -1.26 -17.51
N ARG B 47 19.72 -1.68 -18.15
CA ARG B 47 20.83 -0.81 -18.50
C ARG B 47 21.40 -0.09 -17.28
N TRP B 48 21.67 -0.85 -16.22
CA TRP B 48 22.25 -0.25 -15.04
C TRP B 48 23.73 0.01 -15.29
N GLU B 49 24.20 1.17 -14.85
CA GLU B 49 25.59 1.52 -15.09
C GLU B 49 26.38 1.87 -13.84
N LYS B 50 25.78 2.59 -12.88
CA LYS B 50 26.48 2.95 -11.64
C LYS B 50 27.04 1.72 -10.94
N ASN B 51 27.94 1.93 -9.98
CA ASN B 51 28.58 0.82 -9.32
C ASN B 51 27.68 0.24 -8.24
N ILE B 52 27.87 -1.05 -7.95
CA ILE B 52 27.11 -1.74 -6.93
C ILE B 52 28.09 -2.39 -5.96
N THR B 53 27.87 -2.17 -4.68
CA THR B 53 28.44 -2.97 -3.62
C THR B 53 27.28 -3.51 -2.78
N LEU B 54 27.36 -4.77 -2.41
CA LEU B 54 26.22 -5.38 -1.76
C LEU B 54 26.56 -5.91 -0.37
N GLY B 55 25.50 -6.25 0.35
CA GLY B 55 25.59 -6.61 1.75
C GLY B 55 25.65 -8.10 1.92
N GLU B 56 25.76 -8.50 3.18
CA GLU B 56 25.79 -9.92 3.48
C GLU B 56 24.50 -10.55 3.01
N PRO B 57 24.53 -11.82 2.62
CA PRO B 57 23.28 -12.53 2.34
C PRO B 57 22.38 -12.46 3.56
N PRO B 58 21.05 -12.58 3.38
CA PRO B 58 20.38 -12.70 2.10
C PRO B 58 20.14 -11.35 1.46
N GLY B 59 20.63 -10.27 2.02
CA GLY B 59 20.41 -8.95 1.45
C GLY B 59 19.19 -8.25 2.03
N PHE B 60 19.12 -6.95 1.77
CA PHE B 60 18.14 -6.07 2.39
C PHE B 60 16.71 -6.53 2.12
N LEU B 61 16.40 -6.83 0.85
CA LEU B 61 15.03 -7.15 0.47
C LEU B 61 14.55 -8.43 1.14
N HIS B 62 15.31 -9.50 0.96
CA HIS B 62 15.01 -10.80 1.54
C HIS B 62 14.79 -10.72 3.04
N SER B 63 15.67 -10.02 3.75
CA SER B 63 15.53 -9.97 5.20
C SER B 63 14.26 -9.21 5.60
N TRP B 64 13.99 -8.08 4.93
CA TRP B 64 12.85 -7.29 5.36
C TRP B 64 11.55 -7.94 4.90
N TRP B 65 11.53 -8.47 3.69
CA TRP B 65 10.33 -9.17 3.21
C TRP B 65 9.93 -10.27 4.18
N CYS B 66 10.90 -11.02 4.67
CA CYS B 66 10.60 -12.21 5.44
C CYS B 66 10.07 -11.85 6.81
N VAL B 67 10.56 -10.77 7.43
CA VAL B 67 9.94 -10.44 8.71
C VAL B 67 8.63 -9.73 8.47
N PHE B 68 8.46 -9.04 7.32
CA PHE B 68 7.15 -8.54 6.97
C PHE B 68 6.16 -9.68 6.79
N TRP B 69 6.58 -10.75 6.09
CA TRP B 69 5.64 -11.83 5.83
C TRP B 69 5.29 -12.54 7.13
N ASP B 70 6.24 -12.60 8.05
CA ASP B 70 5.97 -13.20 9.35
C ASP B 70 4.88 -12.42 10.09
N LEU B 71 5.03 -11.10 10.19
CA LEU B 71 4.04 -10.27 10.88
C LEU B 71 2.68 -10.37 10.21
N TYR B 72 2.67 -10.47 8.89
CA TYR B 72 1.45 -10.74 8.14
C TYR B 72 0.76 -12.00 8.65
N CYS B 73 1.50 -13.11 8.71
CA CYS B 73 0.95 -14.39 9.15
C CYS B 73 0.58 -14.36 10.64
N ALA B 74 1.35 -13.66 11.47
CA ALA B 74 1.06 -13.50 12.90
C ALA B 74 -0.04 -12.46 13.17
N ALA B 75 -0.68 -11.91 12.13
CA ALA B 75 -1.79 -11.00 12.33
C ALA B 75 -2.94 -11.72 13.05
N PRO B 76 -3.65 -11.05 13.96
CA PRO B 76 -4.73 -11.73 14.69
C PRO B 76 -5.68 -12.48 13.77
N GLU B 77 -6.06 -11.87 12.65
CA GLU B 77 -7.00 -12.44 11.69
C GLU B 77 -6.41 -13.52 10.80
N ARG B 78 -5.11 -13.82 10.90
CA ARG B 78 -4.53 -14.90 10.12
C ARG B 78 -3.79 -15.92 10.98
N ARG B 79 -3.68 -15.71 12.29
CA ARG B 79 -2.97 -16.60 13.20
C ARG B 79 -3.23 -18.08 12.91
N GLU B 80 -4.46 -18.53 13.06
CA GLU B 80 -4.82 -19.86 12.60
C GLU B 80 -4.88 -19.89 11.08
N THR B 81 -4.59 -21.06 10.51
CA THR B 81 -4.51 -21.32 9.07
C THR B 81 -3.32 -20.64 8.38
N CYS B 82 -2.35 -20.14 9.14
CA CYS B 82 -1.13 -19.56 8.56
C CYS B 82 0.00 -19.70 9.57
N GLU B 83 0.93 -20.61 9.29
CA GLU B 83 2.04 -20.80 10.22
C GLU B 83 2.89 -19.54 10.29
N HIS B 84 3.31 -19.20 11.51
CA HIS B 84 4.02 -17.96 11.80
C HIS B 84 4.92 -18.20 13.00
N SER B 85 5.80 -17.24 13.25
CA SER B 85 6.63 -17.28 14.45
C SER B 85 5.87 -16.70 15.64
N SER B 86 6.42 -16.91 16.82
CA SER B 86 5.81 -16.40 18.04
C SER B 86 6.26 -14.99 18.37
N GLU B 87 7.49 -14.62 18.06
CA GLU B 87 7.86 -13.23 18.35
C GLU B 87 7.07 -12.26 17.47
N ALA B 88 6.70 -12.68 16.26
CA ALA B 88 5.85 -11.84 15.43
C ALA B 88 4.47 -11.71 16.05
N LYS B 89 3.92 -12.82 16.53
CA LYS B 89 2.62 -12.80 17.21
C LYS B 89 2.61 -11.79 18.35
N ALA B 90 3.65 -11.82 19.19
CA ALA B 90 3.65 -11.01 20.39
C ALA B 90 3.96 -9.54 20.09
N PHE B 91 4.69 -9.27 19.01
CA PHE B 91 4.93 -7.90 18.60
C PHE B 91 3.61 -7.14 18.41
N HIS B 92 2.59 -7.83 17.92
CA HIS B 92 1.25 -7.26 17.89
C HIS B 92 0.76 -6.95 19.30
N ASP B 93 0.91 -7.91 20.20
CA ASP B 93 0.40 -7.80 21.55
C ASP B 93 1.49 -7.41 22.53
N SER C 10 15.63 -19.81 8.17
CA SER C 10 15.92 -20.11 9.57
C SER C 10 15.03 -21.24 10.08
N ALA C 11 14.63 -21.15 11.35
CA ALA C 11 13.72 -22.11 11.94
C ALA C 11 12.33 -21.52 12.17
N VAL C 12 12.09 -20.28 11.75
CA VAL C 12 10.74 -19.68 11.84
C VAL C 12 9.85 -20.32 10.78
N PRO C 13 8.61 -20.68 11.12
CA PRO C 13 7.82 -21.58 10.27
C PRO C 13 7.03 -20.92 9.15
N SER C 14 7.08 -19.60 9.02
CA SER C 14 6.52 -18.92 7.86
C SER C 14 7.57 -18.70 6.78
N ASP C 15 8.80 -19.21 6.99
CA ASP C 15 9.92 -18.77 6.18
C ASP C 15 9.85 -19.35 4.78
N SER C 16 9.56 -20.64 4.65
CA SER C 16 9.52 -21.25 3.32
C SER C 16 8.41 -20.63 2.48
N GLN C 17 7.26 -20.36 3.08
CA GLN C 17 6.22 -19.66 2.34
C GLN C 17 6.64 -18.22 2.04
N ALA C 18 7.16 -17.51 3.04
CA ALA C 18 7.68 -16.17 2.79
C ALA C 18 8.60 -16.15 1.57
N ARG C 19 9.48 -17.14 1.48
CA ARG C 19 10.47 -17.18 0.40
C ARG C 19 9.85 -17.68 -0.89
N GLU C 20 8.85 -18.57 -0.80
CA GLU C 20 8.03 -18.88 -1.97
C GLU C 20 7.42 -17.60 -2.53
N LYS C 21 6.79 -16.80 -1.67
CA LYS C 21 6.08 -15.61 -2.12
C LYS C 21 7.04 -14.56 -2.70
N LEU C 22 8.16 -14.29 -2.00
CA LEU C 22 9.14 -13.33 -2.50
C LEU C 22 9.57 -13.67 -3.92
N ALA C 23 9.96 -14.92 -4.14
CA ALA C 23 10.31 -15.38 -5.47
C ALA C 23 9.17 -15.14 -6.45
N LEU C 24 7.94 -15.46 -6.03
CA LEU C 24 6.78 -15.26 -6.90
C LEU C 24 6.65 -13.81 -7.30
N TYR C 25 6.80 -12.89 -6.34
CA TYR C 25 6.63 -11.47 -6.59
C TYR C 25 7.82 -10.85 -7.31
N VAL C 26 9.05 -11.31 -7.02
CA VAL C 26 10.20 -10.84 -7.79
C VAL C 26 10.02 -11.17 -9.27
N TYR C 27 9.51 -12.37 -9.57
CA TYR C 27 9.28 -12.77 -10.95
C TYR C 27 8.22 -11.89 -11.60
N GLU C 28 7.10 -11.66 -10.90
CA GLU C 28 6.09 -10.72 -11.40
C GLU C 28 6.69 -9.34 -11.61
N TYR C 29 7.49 -8.86 -10.64
CA TYR C 29 8.16 -7.58 -10.78
C TYR C 29 9.04 -7.54 -12.02
N LEU C 30 9.83 -8.59 -12.24
CA LEU C 30 10.73 -8.60 -13.39
C LEU C 30 9.94 -8.50 -14.70
N LEU C 31 8.82 -9.22 -14.79
CA LEU C 31 8.01 -9.16 -15.99
C LEU C 31 7.38 -7.78 -16.18
N HIS C 32 6.78 -7.22 -15.12
CA HIS C 32 6.12 -5.94 -15.28
C HIS C 32 7.12 -4.81 -15.48
N VAL C 33 8.39 -4.99 -15.09
CA VAL C 33 9.36 -3.91 -15.25
C VAL C 33 9.99 -3.94 -16.62
N GLY C 34 9.68 -4.95 -17.43
CA GLY C 34 10.27 -5.08 -18.75
C GLY C 34 11.49 -5.97 -18.84
N ALA C 35 11.77 -6.77 -17.81
CA ALA C 35 12.92 -7.67 -17.80
C ALA C 35 12.48 -9.07 -18.19
N GLN C 36 12.05 -9.18 -19.46
CA GLN C 36 11.48 -10.40 -19.99
C GLN C 36 12.43 -11.59 -19.81
N LYS C 37 13.68 -11.44 -20.20
CA LYS C 37 14.59 -12.57 -20.16
C LYS C 37 14.98 -12.91 -18.73
N SER C 38 15.30 -11.89 -17.93
CA SER C 38 15.59 -12.09 -16.51
C SER C 38 14.49 -12.93 -15.84
N ALA C 39 13.23 -12.61 -16.13
CA ALA C 39 12.10 -13.38 -15.60
C ALA C 39 12.16 -14.83 -16.05
N GLN C 40 12.32 -15.06 -17.36
CA GLN C 40 12.42 -16.43 -17.85
C GLN C 40 13.62 -17.14 -17.26
N THR C 41 14.77 -16.46 -17.23
CA THR C 41 15.98 -17.05 -16.66
C THR C 41 15.79 -17.38 -15.20
N PHE C 42 15.18 -16.47 -14.43
CA PHE C 42 14.93 -16.68 -13.00
C PHE C 42 14.19 -17.98 -12.78
N LEU C 43 13.12 -18.20 -13.55
CA LEU C 43 12.31 -19.39 -13.38
C LEU C 43 13.15 -20.66 -13.51
N SER C 44 13.97 -20.73 -14.56
CA SER C 44 14.77 -21.94 -14.77
C SER C 44 15.96 -22.02 -13.83
N GLU C 45 16.46 -20.89 -13.34
CA GLU C 45 17.55 -20.90 -12.38
C GLU C 45 17.11 -21.41 -11.01
N ILE C 46 15.80 -21.47 -10.76
CA ILE C 46 15.24 -21.80 -9.46
C ILE C 46 14.45 -23.09 -9.49
N ARG C 47 14.36 -23.73 -10.66
CA ARG C 47 13.68 -25.02 -10.80
C ARG C 47 12.17 -24.82 -10.58
N TRP C 48 11.59 -23.88 -11.32
CA TRP C 48 10.16 -23.59 -11.24
C TRP C 48 9.53 -23.80 -12.61
N GLU C 49 8.51 -24.67 -12.65
CA GLU C 49 7.74 -24.86 -13.88
C GLU C 49 7.01 -23.57 -14.27
N LYS C 50 7.10 -23.22 -15.55
CA LYS C 50 6.69 -21.90 -16.04
C LYS C 50 5.18 -21.87 -16.28
N ASN C 51 4.43 -21.59 -15.20
CA ASN C 51 2.97 -21.54 -15.28
C ASN C 51 2.43 -20.57 -14.22
N ILE C 52 3.00 -19.37 -14.16
CA ILE C 52 2.61 -18.35 -13.20
C ILE C 52 1.75 -17.31 -13.91
N THR C 53 0.61 -16.97 -13.31
CA THR C 53 -0.26 -15.94 -13.85
C THR C 53 -0.12 -14.67 -13.04
N LEU C 54 -0.02 -13.54 -13.74
CA LEU C 54 0.34 -12.25 -13.15
C LEU C 54 -0.88 -11.47 -12.68
N GLY C 55 -0.64 -10.57 -11.73
CA GLY C 55 -1.61 -9.55 -11.39
C GLY C 55 -1.53 -8.39 -12.35
N GLU C 56 -2.07 -7.29 -11.93
CA GLU C 56 -1.98 -6.18 -12.86
C GLU C 56 -0.74 -5.35 -12.59
N PRO C 57 -0.22 -4.66 -13.60
CA PRO C 57 1.05 -3.93 -13.45
C PRO C 57 0.89 -2.68 -12.62
N PRO C 58 1.88 -2.34 -11.75
CA PRO C 58 3.01 -3.23 -11.48
C PRO C 58 2.56 -4.13 -10.36
N GLY C 59 3.20 -5.27 -10.15
CA GLY C 59 2.61 -6.18 -9.20
C GLY C 59 2.80 -5.79 -7.76
N PHE C 60 2.61 -6.75 -6.86
CA PHE C 60 2.60 -6.44 -5.44
C PHE C 60 3.96 -5.95 -4.93
N LEU C 61 5.07 -6.51 -5.45
CA LEU C 61 6.38 -6.15 -4.92
C LEU C 61 6.62 -4.65 -5.04
N HIS C 62 6.32 -4.08 -6.21
CA HIS C 62 6.40 -2.64 -6.39
C HIS C 62 5.47 -1.89 -5.43
N SER C 63 4.21 -2.31 -5.33
CA SER C 63 3.29 -1.65 -4.40
C SER C 63 3.77 -1.78 -2.96
N TRP C 64 4.18 -2.99 -2.57
CA TRP C 64 4.68 -3.16 -1.21
C TRP C 64 5.88 -2.26 -0.97
N TRP C 65 6.77 -2.14 -1.98
CA TRP C 65 8.02 -1.41 -1.81
C TRP C 65 7.76 0.07 -1.62
N CYS C 66 6.83 0.64 -2.39
CA CYS C 66 6.51 2.07 -2.28
C CYS C 66 6.11 2.44 -0.86
N VAL C 67 5.24 1.64 -0.23
CA VAL C 67 4.89 1.89 1.16
C VAL C 67 6.08 1.67 2.08
N PHE C 68 6.79 0.52 1.93
CA PHE C 68 7.95 0.21 2.77
C PHE C 68 9.01 1.30 2.72
N TRP C 69 9.40 1.72 1.52
CA TRP C 69 10.47 2.71 1.42
C TRP C 69 10.02 4.07 1.92
N ASP C 70 8.76 4.46 1.69
CA ASP C 70 8.23 5.68 2.32
C ASP C 70 8.45 5.63 3.83
N LEU C 71 8.05 4.53 4.45
CA LEU C 71 8.26 4.40 5.88
C LEU C 71 9.75 4.34 6.22
N TYR C 72 10.54 3.59 5.44
CA TYR C 72 11.98 3.46 5.79
C TYR C 72 12.70 4.79 5.78
N CYS C 73 12.50 5.58 4.71
CA CYS C 73 13.06 6.92 4.65
C CYS C 73 12.60 7.78 5.81
N ALA C 74 11.32 7.69 6.15
CA ALA C 74 10.81 8.55 7.21
C ALA C 74 11.19 8.09 8.62
N ALA C 75 11.62 6.85 8.77
CA ALA C 75 11.89 6.32 10.10
C ALA C 75 13.07 7.07 10.74
N PRO C 76 12.92 7.59 11.95
CA PRO C 76 13.96 8.42 12.56
C PRO C 76 14.94 7.64 13.42
N GLU C 77 16.02 8.32 13.80
CA GLU C 77 17.03 7.80 14.70
C GLU C 77 16.61 7.85 16.15
N TYR D 1 23.48 -21.98 -6.21
CA TYR D 1 22.99 -22.78 -5.06
C TYR D 1 23.57 -22.27 -3.74
N THR D 2 22.88 -21.32 -3.11
CA THR D 2 23.49 -20.59 -1.97
C THR D 2 22.76 -20.43 -0.63
N GLU D 3 22.36 -21.50 0.06
CA GLU D 3 21.61 -21.41 1.35
C GLU D 3 20.18 -20.86 1.26
N PHE D 4 19.99 -19.59 0.89
CA PHE D 4 18.68 -18.93 0.67
C PHE D 4 18.19 -19.13 -0.78
N ALA D 5 18.50 -20.26 -1.41
CA ALA D 5 17.92 -20.57 -2.73
C ALA D 5 16.47 -20.86 -2.40
N PRO D 6 15.30 -20.39 -3.20
CA PRO D 6 13.85 -20.45 -3.01
C PRO D 6 13.37 -21.88 -2.91
N PRO D 7 12.21 -22.09 -2.27
CA PRO D 7 11.64 -23.46 -2.17
C PRO D 7 11.15 -23.95 -3.52
N PRO D 8 10.71 -25.22 -3.61
CA PRO D 8 10.39 -25.79 -4.93
C PRO D 8 9.03 -25.40 -5.52
N THR D 9 8.05 -25.00 -4.69
CA THR D 9 6.64 -25.09 -5.03
C THR D 9 6.31 -26.50 -5.49
N PRO D 10 6.26 -27.50 -4.60
CA PRO D 10 5.71 -28.79 -5.02
C PRO D 10 4.24 -28.69 -5.39
N MET D 11 3.56 -27.63 -4.95
CA MET D 11 2.27 -27.19 -5.46
C MET D 11 2.37 -26.88 -6.96
N VAL D 12 1.91 -27.82 -7.79
CA VAL D 12 1.93 -27.63 -9.24
C VAL D 12 0.75 -26.77 -9.70
N ASP D 13 -0.31 -26.66 -8.89
CA ASP D 13 -1.48 -25.86 -9.24
C ASP D 13 -1.07 -24.45 -9.64
N HIS D 14 -1.73 -23.94 -10.69
CA HIS D 14 -1.37 -22.66 -11.30
C HIS D 14 -1.30 -21.53 -10.28
N LEU D 15 -0.08 -21.03 -10.05
CA LEU D 15 0.14 -19.99 -9.05
C LEU D 15 -0.26 -18.63 -9.61
N VAL D 16 -0.86 -17.81 -8.74
CA VAL D 16 -1.37 -16.50 -9.10
C VAL D 16 -0.59 -15.47 -8.31
N ALA D 17 -0.06 -14.46 -9.02
CA ALA D 17 0.62 -13.34 -8.36
C ALA D 17 -0.42 -12.26 -8.03
N SER D 18 -1.25 -12.58 -7.04
CA SER D 18 -2.32 -11.71 -6.58
C SER D 18 -1.92 -10.99 -5.30
N ASN D 19 -2.60 -9.89 -5.04
CA ASN D 19 -2.27 -9.11 -3.85
C ASN D 19 -2.65 -9.91 -2.61
N PRO D 20 -1.74 -10.07 -1.65
CA PRO D 20 -2.02 -10.93 -0.49
C PRO D 20 -3.06 -10.36 0.47
N PHE D 21 -3.69 -9.28 0.08
CA PHE D 21 -4.76 -8.73 0.90
C PHE D 21 -6.12 -8.82 0.22
N GLU D 22 -6.14 -8.89 -1.12
CA GLU D 22 -7.38 -8.94 -1.89
C GLU D 22 -8.25 -10.10 -1.45
N ASP D 23 -9.56 -9.83 -1.36
CA ASP D 23 -10.52 -10.80 -0.89
C ASP D 23 -10.95 -11.74 -2.00
N ASP D 24 -11.24 -12.97 -1.62
CA ASP D 24 -11.67 -14.00 -2.57
C ASP D 24 -13.12 -14.40 -2.32
#